data_5A9Y
#
_entry.id   5A9Y
#
_cell.length_a   244.310
_cell.length_b   244.310
_cell.length_c   244.310
_cell.angle_alpha   90.00
_cell.angle_beta   90.00
_cell.angle_gamma   90.00
#
_symmetry.space_group_name_H-M   'I 41 3 2'
#
loop_
_entity.id
_entity.type
_entity.pdbx_description
1 polymer 'GTP-BINDING PROTEIN'
2 non-polymer "GUANOSINE-5',3'-TETRAPHOSPHATE"
3 water water
#
_entity_poly.entity_id   1
_entity_poly.type   'polypeptide(L)'
_entity_poly.pdbx_seq_one_letter_code
;MIEKLRNIAIIAHVDHGKTTLVDKLLQQSGTFDSRAETQERVMDSNDLEKERGITILAKNTAIKWNDYRINIVDTPGHAD
FGGEVERVMSMVDSVLLVVDAFDGPMPQTRFVTKKAFAYGLKPIVVINKVDRPGARPDWVVDQVFDLFVNLDATDEQLDF
PIVYASALNGIAGLDHEDMAEDMTPLYQAIVDHVPAPDVDLDGPFQMQISQLDYNSYVGVIGIGRIKRGKVKPNQQVTII
DSEGKTRNAKVGKVLGHLGLERIETDLAEAGDIVAITGLGELNISDTVCDTQNVEALPALSVDEPTVSMFFCVNTSPFCG
KEGKFVTSRQILDRLNKELVHNVALRVEETEDADAFRVSGRGELHLSVLIENMRREGFELAVSRPKVIFREIDGRKQEPY
ENVTLDVEEQHQGSVMQALGERKGDLKNMNPDGKGRVRLDYVIPSRGLIGFRSEFMTMTSGTGLLYSTFSHYDDVRPGEV
GQRQNGVLISNGQGKAVAFALFGLQDRGKLFLGHGAEVYEGQIIGIHSRSNDLTVNCLTGKKLTNMRASGTDEAVVLVPP
IRMTLEQALEFIDDDELVEVTPTSIRIRKRHLTENDRRRANRAPKDD
;
_entity_poly.pdbx_strand_id   A
#
loop_
_chem_comp.id
_chem_comp.type
_chem_comp.name
_chem_comp.formula
G4P RNA linking GUANOSINE-5',3'-TETRAPHOSPHATE 'C10 H17 N5 O17 P4'
#
# COMPACT_ATOMS: atom_id res chain seq x y z
N MET A 1 26.32 17.13 18.27
CA MET A 1 25.77 16.29 17.15
C MET A 1 24.27 16.05 17.27
N ILE A 2 23.78 15.82 18.49
CA ILE A 2 22.36 15.48 18.73
C ILE A 2 21.47 16.71 18.65
N GLU A 3 21.86 17.79 19.31
CA GLU A 3 21.06 19.04 19.31
C GLU A 3 21.21 19.85 18.01
N LYS A 4 22.07 19.39 17.10
CA LYS A 4 22.34 20.11 15.85
C LYS A 4 21.21 19.93 14.83
N LEU A 5 20.89 18.68 14.56
CA LEU A 5 19.98 18.29 13.45
C LEU A 5 18.61 18.99 13.49
N ARG A 6 18.09 19.34 12.31
CA ARG A 6 16.77 19.94 12.15
C ARG A 6 15.97 19.23 11.06
N ASN A 7 15.04 18.36 11.45
CA ASN A 7 14.25 17.58 10.48
C ASN A 7 12.95 18.28 10.12
N ILE A 8 12.81 18.64 8.84
CA ILE A 8 11.62 19.33 8.33
C ILE A 8 11.20 18.83 6.96
N ALA A 9 10.02 19.26 6.50
CA ALA A 9 9.46 18.84 5.22
C ALA A 9 8.80 19.99 4.45
N ILE A 10 9.11 20.07 3.15
CA ILE A 10 8.66 21.17 2.28
C ILE A 10 7.27 20.87 1.76
N ILE A 11 6.48 21.92 1.56
CA ILE A 11 5.18 21.83 0.90
C ILE A 11 4.99 23.03 -0.02
N ALA A 12 4.75 22.76 -1.31
CA ALA A 12 4.43 23.80 -2.29
C ALA A 12 3.41 23.30 -3.29
N HIS A 13 2.83 24.22 -4.03
CA HIS A 13 1.71 23.94 -4.91
C HIS A 13 2.03 24.42 -6.34
N VAL A 14 1.02 24.52 -7.20
CA VAL A 14 1.19 24.92 -8.61
C VAL A 14 2.19 26.05 -8.87
N ASP A 15 2.31 26.99 -7.93
CA ASP A 15 3.42 27.95 -7.93
C ASP A 15 4.69 27.14 -7.66
N HIS A 16 5.21 26.55 -8.74
CA HIS A 16 6.42 25.75 -8.66
C HIS A 16 7.61 26.59 -8.22
N GLY A 17 7.81 26.71 -6.91
CA GLY A 17 8.90 27.48 -6.37
C GLY A 17 9.42 26.92 -5.06
N LYS A 18 9.89 25.68 -5.10
CA LYS A 18 10.41 25.02 -3.91
C LYS A 18 11.86 25.42 -3.66
N THR A 19 12.77 24.92 -4.50
CA THR A 19 14.19 25.22 -4.36
C THR A 19 14.91 25.07 -5.70
N THR A 20 15.14 26.18 -6.39
CA THR A 20 14.74 27.51 -5.96
C THR A 20 15.53 27.95 -4.72
N LEU A 21 14.95 27.71 -3.55
CA LEU A 21 15.60 28.08 -2.29
C LEU A 21 16.83 27.22 -2.03
N VAL A 22 16.60 25.92 -1.79
CA VAL A 22 17.69 25.00 -1.52
C VAL A 22 18.85 25.19 -2.50
N ASP A 23 18.52 25.18 -3.79
CA ASP A 23 19.53 25.36 -4.83
C ASP A 23 20.47 26.51 -4.49
N LYS A 24 19.90 27.67 -4.19
CA LYS A 24 20.68 28.86 -3.86
C LYS A 24 21.18 28.78 -2.42
N LEU A 25 20.44 28.10 -1.57
CA LEU A 25 20.81 27.94 -0.16
C LEU A 25 22.16 27.26 -0.01
N LEU A 26 22.44 26.32 -0.91
CA LEU A 26 23.70 25.59 -0.87
C LEU A 26 24.89 26.55 -0.77
N GLN A 27 25.14 27.04 0.45
CA GLN A 27 26.26 27.97 0.69
C GLN A 27 27.34 27.30 1.55
N GLN A 28 27.52 25.99 1.33
CA GLN A 28 28.36 25.12 2.15
C GLN A 28 28.78 23.89 1.31
N SER A 29 27.87 22.91 1.17
CA SER A 29 27.96 21.82 0.18
C SER A 29 29.34 21.12 0.15
N GLY A 30 30.14 21.38 -0.89
CA GLY A 30 31.53 20.93 -0.94
C GLY A 30 32.43 22.13 -1.20
N THR A 31 32.42 23.07 -0.26
CA THR A 31 33.31 24.25 -0.31
C THR A 31 34.74 23.87 0.10
N PHE A 32 35.72 24.29 -0.69
CA PHE A 32 37.15 24.02 -0.46
C PHE A 32 38.01 24.97 -1.31
N LYS A 50 10.74 18.51 -12.01
CA LYS A 50 11.98 18.65 -11.26
C LYS A 50 11.71 19.02 -9.79
N GLU A 51 12.27 18.27 -8.85
CA GLU A 51 13.13 17.12 -9.14
C GLU A 51 13.24 16.19 -7.94
N ARG A 52 14.28 16.42 -7.13
CA ARG A 52 14.50 15.61 -5.94
C ARG A 52 14.73 16.48 -4.71
N GLY A 53 14.91 15.87 -3.54
CA GLY A 53 14.88 14.42 -3.38
C GLY A 53 14.42 13.99 -2.00
N ILE A 54 15.16 13.07 -1.39
CA ILE A 54 14.83 12.57 -0.07
C ILE A 54 16.08 12.10 0.68
N THR A 55 16.83 13.03 1.27
CA THR A 55 16.52 14.46 1.23
C THR A 55 17.76 15.29 0.90
N ILE A 56 17.74 16.56 1.29
CA ILE A 56 18.86 17.46 1.02
C ILE A 56 19.34 18.12 2.32
N LEU A 57 20.65 18.09 2.53
CA LEU A 57 21.25 18.68 3.72
C LEU A 57 21.61 20.11 3.41
N ALA A 58 21.36 20.98 4.38
CA ALA A 58 21.87 22.33 4.36
C ALA A 58 22.71 22.52 5.62
N LYS A 59 23.74 21.67 5.75
CA LYS A 59 24.66 21.75 6.89
C LYS A 59 25.43 23.09 6.91
N ASN A 60 25.00 24.04 7.75
CA ASN A 60 25.57 25.41 7.74
C ASN A 60 25.73 26.09 9.11
N THR A 61 26.40 27.25 9.09
CA THR A 61 26.65 28.10 10.25
C THR A 61 26.91 29.56 9.74
N ALA A 62 27.28 30.49 10.63
CA ALA A 62 27.60 31.88 10.23
C ALA A 62 28.95 31.99 9.51
N ASN A 66 26.59 26.52 15.25
CA ASN A 66 27.10 25.16 15.12
C ASN A 66 26.95 24.61 13.68
N ASP A 67 27.79 23.66 13.32
CA ASP A 67 27.66 22.92 12.05
C ASP A 67 26.45 22.00 12.12
N TYR A 68 25.25 22.57 12.01
CA TYR A 68 24.02 21.78 12.20
C TYR A 68 23.50 21.28 10.87
N ARG A 69 23.28 19.98 10.82
CA ARG A 69 22.69 19.32 9.67
C ARG A 69 21.20 19.69 9.64
N ILE A 70 20.64 19.74 8.44
CA ILE A 70 19.21 20.05 8.23
C ILE A 70 18.62 19.15 7.14
N ASN A 71 18.14 17.97 7.54
CA ASN A 71 17.49 17.02 6.63
C ASN A 71 16.11 17.53 6.24
N ILE A 72 15.85 17.57 4.92
CA ILE A 72 14.65 18.20 4.35
C ILE A 72 13.97 17.21 3.40
N VAL A 73 12.87 16.59 3.86
CA VAL A 73 12.18 15.54 3.10
C VAL A 73 11.02 16.15 2.30
N ASP A 74 11.01 15.96 0.98
CA ASP A 74 9.93 16.52 0.16
C ASP A 74 8.63 15.78 0.45
N THR A 75 7.59 16.54 0.77
CA THR A 75 6.25 15.99 0.91
C THR A 75 5.55 16.21 -0.40
N PRO A 76 5.12 15.11 -1.07
CA PRO A 76 4.59 15.26 -2.41
C PRO A 76 3.22 15.97 -2.44
N GLY A 77 3.10 16.97 -3.33
CA GLY A 77 1.81 17.62 -3.61
C GLY A 77 0.83 16.66 -4.27
N HIS A 78 1.35 15.77 -5.12
CA HIS A 78 0.56 14.66 -5.66
C HIS A 78 0.23 13.70 -4.51
N ALA A 79 -1.06 13.52 -4.24
CA ALA A 79 -1.52 12.52 -3.28
C ALA A 79 -1.36 11.15 -3.94
N ASP A 80 -0.58 10.26 -3.32
CA ASP A 80 -0.33 8.91 -3.87
C ASP A 80 -1.59 8.05 -3.68
N PHE A 81 -1.54 6.97 -2.88
CA PHE A 81 -2.78 6.28 -2.51
C PHE A 81 -2.64 5.49 -1.22
N GLY A 82 -3.65 5.62 -0.35
CA GLY A 82 -3.57 5.13 1.02
C GLY A 82 -2.81 6.05 1.95
N GLY A 83 -2.57 7.29 1.51
CA GLY A 83 -1.88 8.29 2.33
C GLY A 83 -0.40 8.00 2.53
N GLU A 84 0.43 8.51 1.62
CA GLU A 84 1.88 8.42 1.75
C GLU A 84 2.41 9.34 2.85
N VAL A 85 1.81 10.52 2.98
CA VAL A 85 2.37 11.62 3.77
C VAL A 85 2.33 11.39 5.29
N GLU A 86 1.30 10.68 5.78
CA GLU A 86 1.26 10.24 7.18
C GLU A 86 2.65 9.80 7.62
N ARG A 87 3.26 8.95 6.80
CA ARG A 87 4.58 8.40 7.06
C ARG A 87 5.69 9.48 6.96
N VAL A 88 5.55 10.41 6.00
CA VAL A 88 6.55 11.45 5.76
C VAL A 88 6.78 12.32 6.97
N MET A 89 5.70 12.93 7.46
CA MET A 89 5.82 13.83 8.60
C MET A 89 5.94 13.15 9.97
N SER A 90 5.78 11.82 10.01
CA SER A 90 6.18 11.02 11.18
C SER A 90 7.68 11.13 11.45
N MET A 91 8.47 11.34 10.40
CA MET A 91 9.92 11.58 10.53
C MET A 91 10.20 12.95 11.12
N VAL A 92 9.65 13.98 10.49
CA VAL A 92 10.04 15.35 10.80
C VAL A 92 9.35 15.90 12.06
N ASP A 93 9.91 17.02 12.57
CA ASP A 93 9.40 17.75 13.75
C ASP A 93 8.82 19.15 13.45
N SER A 94 8.97 19.63 12.22
CA SER A 94 8.38 20.90 11.77
C SER A 94 8.25 20.88 10.24
N VAL A 95 7.67 21.94 9.66
CA VAL A 95 7.45 21.98 8.21
C VAL A 95 7.63 23.36 7.62
N LEU A 96 7.91 23.35 6.32
CA LEU A 96 8.07 24.55 5.53
C LEU A 96 6.98 24.52 4.45
N LEU A 97 6.09 25.51 4.49
CA LEU A 97 5.02 25.63 3.52
C LEU A 97 5.26 26.86 2.65
N VAL A 98 5.74 26.64 1.43
CA VAL A 98 6.00 27.75 0.50
C VAL A 98 4.69 28.13 -0.20
N VAL A 99 4.50 29.44 -0.41
CA VAL A 99 3.30 30.00 -1.07
C VAL A 99 3.67 31.20 -1.97
N ASP A 100 2.86 31.40 -3.01
CA ASP A 100 3.06 32.52 -3.94
C ASP A 100 2.55 33.83 -3.34
N ALA A 101 3.35 34.88 -3.48
CA ALA A 101 2.95 36.19 -2.95
C ALA A 101 1.86 36.85 -3.76
N PHE A 102 1.74 36.50 -5.03
CA PHE A 102 0.69 37.05 -5.87
C PHE A 102 -0.57 36.20 -5.77
N ASP A 103 -0.39 34.89 -5.90
CA ASP A 103 -1.51 33.96 -5.98
C ASP A 103 -2.17 33.80 -4.61
N GLY A 104 -1.40 33.32 -3.63
CA GLY A 104 -1.93 32.97 -2.31
C GLY A 104 -2.00 31.46 -2.15
N PRO A 105 -2.66 30.99 -1.08
CA PRO A 105 -2.81 29.54 -0.84
C PRO A 105 -3.68 28.82 -1.88
N MET A 106 -3.47 27.52 -2.04
CA MET A 106 -4.10 26.74 -3.11
C MET A 106 -4.63 25.39 -2.62
N PRO A 107 -5.55 24.77 -3.39
CA PRO A 107 -6.25 23.58 -2.88
C PRO A 107 -5.42 22.29 -2.74
N GLN A 108 -4.34 22.14 -3.52
CA GLN A 108 -3.48 20.94 -3.43
C GLN A 108 -2.63 20.85 -2.16
N THR A 109 -2.37 22.00 -1.55
CA THR A 109 -1.72 22.05 -0.23
C THR A 109 -2.67 21.67 0.93
N ARG A 110 -3.98 21.85 0.74
CA ARG A 110 -5.00 21.49 1.75
C ARG A 110 -4.93 20.04 2.22
N PHE A 111 -4.52 19.14 1.34
CA PHE A 111 -4.48 17.72 1.66
C PHE A 111 -3.29 17.45 2.56
N VAL A 112 -2.15 18.07 2.24
CA VAL A 112 -0.92 17.86 3.00
C VAL A 112 -1.05 18.54 4.35
N THR A 113 -1.24 19.86 4.31
CA THR A 113 -1.22 20.70 5.50
C THR A 113 -2.21 20.25 6.55
N LYS A 114 -3.42 19.92 6.14
CA LYS A 114 -4.46 19.47 7.07
C LYS A 114 -4.00 18.24 7.83
N LYS A 115 -2.93 17.62 7.36
CA LYS A 115 -2.39 16.42 8.01
C LYS A 115 -1.08 16.74 8.74
N ALA A 116 -0.72 18.01 8.77
CA ALA A 116 0.50 18.44 9.44
C ALA A 116 0.20 19.14 10.76
N PHE A 117 -1.08 19.19 11.11
CA PHE A 117 -1.50 19.83 12.35
C PHE A 117 -1.72 18.81 13.46
N ALA A 118 -2.55 17.80 13.18
CA ALA A 118 -2.85 16.75 14.14
C ALA A 118 -1.59 15.95 14.49
N TYR A 119 -0.59 16.05 13.62
CA TYR A 119 0.67 15.33 13.83
C TYR A 119 1.75 15.79 12.85
N GLY A 120 2.30 16.99 13.05
CA GLY A 120 1.93 17.86 14.15
C GLY A 120 3.13 18.55 14.77
N LEU A 121 3.47 19.73 14.26
CA LEU A 121 4.61 20.48 14.76
C LEU A 121 4.51 21.95 14.37
N LYS A 122 5.57 22.70 14.66
CA LYS A 122 5.60 24.12 14.33
C LYS A 122 5.80 24.35 12.84
N PRO A 123 4.91 25.23 12.24
CA PRO A 123 5.12 25.41 10.79
C PRO A 123 5.90 26.69 10.50
N ILE A 124 6.34 26.85 9.25
CA ILE A 124 7.09 28.03 8.85
C ILE A 124 6.59 28.49 7.46
N VAL A 125 5.77 29.53 7.46
CA VAL A 125 5.25 30.18 6.25
C VAL A 125 6.34 30.97 5.50
N VAL A 126 6.34 30.85 4.17
CA VAL A 126 7.34 31.47 3.28
C VAL A 126 6.66 32.15 2.09
N ILE A 127 6.57 33.48 2.11
CA ILE A 127 5.90 34.27 1.07
C ILE A 127 6.87 34.56 -0.10
N ASN A 128 6.80 33.77 -1.17
CA ASN A 128 7.77 33.87 -2.29
C ASN A 128 7.41 35.00 -3.27
N LYS A 129 7.89 34.97 -4.52
CA LYS A 129 7.51 35.93 -5.59
C LYS A 129 7.15 37.37 -5.17
N VAL A 130 7.88 37.92 -4.21
CA VAL A 130 7.70 39.32 -3.80
C VAL A 130 8.34 40.24 -4.84
N ASP A 131 9.43 39.77 -5.42
CA ASP A 131 10.12 40.43 -6.54
C ASP A 131 9.27 40.65 -7.80
N ARG A 132 8.16 39.92 -7.94
CA ARG A 132 7.18 40.17 -9.01
C ARG A 132 6.56 41.58 -8.91
N PRO A 133 6.29 42.24 -10.06
CA PRO A 133 5.53 43.49 -10.03
C PRO A 133 4.07 43.25 -9.68
N GLY A 134 3.47 42.21 -10.26
CA GLY A 134 2.19 41.68 -9.80
C GLY A 134 2.43 40.84 -8.57
N ALA A 135 2.19 41.40 -7.39
CA ALA A 135 2.38 40.70 -6.12
C ALA A 135 1.62 41.39 -5.00
N ARG A 136 1.23 40.60 -3.99
CA ARG A 136 0.33 41.05 -2.93
C ARG A 136 0.75 40.49 -1.56
N PRO A 137 1.75 41.12 -0.91
CA PRO A 137 2.28 40.60 0.36
C PRO A 137 1.35 40.73 1.58
N ASP A 138 0.87 41.93 1.87
CA ASP A 138 -0.04 42.16 3.00
C ASP A 138 -1.32 41.34 2.86
N TRP A 139 -1.85 41.27 1.64
CA TRP A 139 -3.07 40.51 1.33
C TRP A 139 -2.91 39.00 1.51
N VAL A 140 -1.77 38.45 1.05
CA VAL A 140 -1.51 37.02 1.19
C VAL A 140 -1.37 36.64 2.66
N VAL A 141 -0.64 37.43 3.42
CA VAL A 141 -0.50 37.20 4.86
C VAL A 141 -1.89 37.12 5.50
N ASP A 142 -2.78 38.04 5.12
CA ASP A 142 -4.17 38.05 5.61
C ASP A 142 -4.97 36.86 5.08
N GLN A 143 -4.77 36.52 3.80
CA GLN A 143 -5.41 35.35 3.16
C GLN A 143 -5.01 34.01 3.77
N VAL A 144 -3.74 33.92 4.19
CA VAL A 144 -3.24 32.75 4.92
C VAL A 144 -4.11 32.54 6.17
N PHE A 145 -4.07 33.50 7.10
CA PHE A 145 -4.80 33.44 8.39
C PHE A 145 -6.17 32.73 8.32
N ASP A 146 -7.00 33.15 7.38
CA ASP A 146 -8.39 32.68 7.31
C ASP A 146 -8.54 31.25 6.82
N LEU A 147 -7.73 30.87 5.84
CA LEU A 147 -7.68 29.48 5.36
C LEU A 147 -6.78 28.60 6.27
N PHE A 148 -5.87 29.25 6.99
CA PHE A 148 -4.96 28.54 7.89
C PHE A 148 -5.63 28.25 9.23
N VAL A 149 -6.57 29.09 9.61
CA VAL A 149 -7.28 28.93 10.87
C VAL A 149 -8.27 27.78 10.79
N ASN A 150 -9.02 27.71 9.70
CA ASN A 150 -10.00 26.65 9.50
C ASN A 150 -9.42 25.26 9.75
N LEU A 151 -8.10 25.20 9.91
CA LEU A 151 -7.42 23.94 10.17
C LEU A 151 -6.93 23.85 11.62
N ASP A 152 -7.50 24.69 12.47
CA ASP A 152 -7.13 24.71 13.88
C ASP A 152 -5.61 24.79 14.05
N ALA A 153 -5.15 24.58 15.27
CA ALA A 153 -3.72 24.63 15.57
C ALA A 153 -3.43 24.13 16.99
N THR A 154 -3.92 24.85 18.00
CA THR A 154 -4.69 26.07 17.83
C THR A 154 -3.87 27.31 18.19
N ASP A 155 -2.57 27.24 17.95
CA ASP A 155 -1.67 28.35 18.25
C ASP A 155 -1.55 29.30 17.06
N GLU A 156 -0.52 30.14 17.10
CA GLU A 156 -0.28 31.10 16.03
C GLU A 156 -1.26 32.28 16.10
N GLN A 157 -0.84 33.39 16.70
CA GLN A 157 0.51 33.53 17.28
C GLN A 157 1.59 33.33 16.23
N LEU A 158 2.75 32.85 16.66
CA LEU A 158 3.87 32.62 15.75
C LEU A 158 4.35 31.17 15.85
N ASP A 159 4.25 30.41 14.76
CA ASP A 159 3.71 30.90 13.49
C ASP A 159 4.60 31.98 12.88
N PHE A 160 5.89 31.67 12.76
CA PHE A 160 6.84 32.62 12.20
C PHE A 160 8.07 31.89 11.64
N PRO A 161 8.06 31.56 10.36
CA PRO A 161 6.94 31.85 9.46
C PRO A 161 6.77 33.35 9.25
N ILE A 162 6.03 33.71 8.20
CA ILE A 162 5.79 35.12 7.90
C ILE A 162 7.07 35.80 7.41
N VAL A 163 7.84 35.08 6.61
CA VAL A 163 9.09 35.61 6.07
C VAL A 163 8.78 36.19 4.70
N TYR A 164 9.68 37.00 4.18
CA TYR A 164 9.81 37.22 2.73
C TYR A 164 10.26 35.94 2.02
N ALA A 165 10.33 36.00 0.68
CA ALA A 165 11.10 35.03 -0.10
C ALA A 165 11.31 35.48 -1.56
N SER A 166 12.57 35.44 -1.99
CA SER A 166 12.93 35.77 -3.36
C SER A 166 13.86 34.70 -3.89
N ALA A 167 13.37 33.97 -4.89
CA ALA A 167 14.24 33.12 -5.69
C ALA A 167 15.25 34.02 -6.39
N LEU A 168 14.76 35.10 -6.97
CA LEU A 168 15.59 36.10 -7.65
C LEU A 168 16.55 36.70 -6.63
N ASN A 169 17.67 36.03 -6.44
CA ASN A 169 18.65 36.38 -5.42
C ASN A 169 20.04 35.82 -5.77
N GLY A 173 12.30 47.55 -0.94
CA GLY A 173 11.19 46.61 -0.80
C GLY A 173 10.23 46.99 0.31
N LEU A 174 9.54 46.00 0.86
CA LEU A 174 8.59 46.25 1.94
C LEU A 174 8.54 45.07 2.90
N ASP A 175 7.81 45.23 3.99
CA ASP A 175 7.67 44.18 5.00
C ASP A 175 9.04 43.67 5.43
N HIS A 176 9.08 42.41 5.86
CA HIS A 176 10.33 41.79 6.31
C HIS A 176 11.27 41.54 5.13
N GLU A 177 12.56 41.83 5.30
CA GLU A 177 13.10 42.37 6.55
C GLU A 177 12.74 43.85 6.72
N ASP A 178 13.18 44.70 5.80
CA ASP A 178 13.98 44.30 4.65
C ASP A 178 15.16 45.24 4.43
N MET A 179 16.22 44.77 3.78
CA MET A 179 16.30 43.40 3.26
C MET A 179 17.74 43.02 2.93
N ALA A 180 18.36 42.28 3.83
CA ALA A 180 19.74 41.84 3.65
C ALA A 180 19.81 40.58 2.78
N GLU A 181 20.86 39.79 2.97
CA GLU A 181 21.04 38.56 2.21
C GLU A 181 19.80 37.68 2.29
N ASP A 182 18.82 37.97 1.44
CA ASP A 182 17.58 37.20 1.41
C ASP A 182 17.85 35.71 1.45
N MET A 183 18.52 35.27 2.50
CA MET A 183 18.85 33.84 2.66
C MET A 183 19.22 33.53 4.10
N THR A 184 20.24 34.22 4.61
CA THR A 184 20.70 34.01 5.98
C THR A 184 19.58 34.23 6.98
N PRO A 185 18.73 35.30 6.72
CA PRO A 185 17.66 35.48 7.71
C PRO A 185 16.85 34.21 7.91
N LEU A 186 16.46 33.56 6.81
CA LEU A 186 15.68 32.34 6.88
C LEU A 186 16.35 31.31 7.77
N TYR A 187 17.57 30.93 7.44
CA TYR A 187 18.33 29.95 8.23
C TYR A 187 17.82 30.00 9.66
N GLN A 188 17.87 31.21 10.23
CA GLN A 188 17.47 31.47 11.61
C GLN A 188 16.10 30.93 11.89
N ALA A 189 15.15 31.30 11.03
CA ALA A 189 13.74 30.92 11.16
C ALA A 189 13.58 29.44 11.49
N ILE A 190 14.36 28.60 10.83
CA ILE A 190 14.33 27.17 11.05
C ILE A 190 14.93 26.84 12.40
N VAL A 191 16.15 27.31 12.64
CA VAL A 191 16.90 26.90 13.83
C VAL A 191 16.23 27.37 15.12
N ASP A 192 15.59 28.56 15.11
CA ASP A 192 14.88 29.08 16.30
C ASP A 192 13.66 28.26 16.72
N HIS A 193 12.72 28.12 15.78
CA HIS A 193 11.37 27.59 16.07
C HIS A 193 11.25 26.08 15.90
N VAL A 194 11.99 25.50 14.95
CA VAL A 194 12.05 24.05 14.80
C VAL A 194 13.06 23.50 15.79
N PRO A 195 12.67 22.51 16.61
CA PRO A 195 13.60 21.85 17.50
C PRO A 195 14.18 20.55 16.91
N ALA A 196 15.29 20.09 17.49
CA ALA A 196 15.86 18.77 17.18
C ALA A 196 15.04 17.68 17.87
N PRO A 197 14.96 16.47 17.28
CA PRO A 197 14.07 15.42 17.77
C PRO A 197 14.47 14.86 19.14
N ASP A 198 13.48 14.66 20.01
CA ASP A 198 13.71 14.03 21.30
C ASP A 198 13.94 12.54 21.03
N VAL A 199 15.21 12.20 20.86
CA VAL A 199 15.66 10.83 20.66
C VAL A 199 16.92 10.55 21.48
N ASP A 200 17.13 9.28 21.78
CA ASP A 200 18.18 8.82 22.68
C ASP A 200 19.40 8.32 21.90
N LEU A 201 20.50 9.05 22.02
CA LEU A 201 21.80 8.64 21.45
C LEU A 201 22.16 7.21 21.80
N ASP A 202 22.05 6.89 23.08
CA ASP A 202 22.64 5.70 23.66
C ASP A 202 21.73 4.47 23.53
N GLY A 203 22.10 3.36 24.18
CA GLY A 203 21.25 2.19 24.27
C GLY A 203 21.20 1.35 23.01
N PRO A 204 20.23 0.41 22.93
CA PRO A 204 20.12 -0.41 21.73
C PRO A 204 19.67 0.39 20.51
N PHE A 205 20.16 -0.02 19.35
CA PHE A 205 19.70 0.57 18.09
C PHE A 205 18.20 0.32 17.87
N GLN A 206 17.50 1.30 17.32
CA GLN A 206 16.07 1.19 17.04
C GLN A 206 15.61 2.16 15.93
N MET A 207 14.90 1.64 14.91
CA MET A 207 14.32 2.48 13.85
C MET A 207 13.12 1.90 13.07
N GLN A 208 12.14 2.77 12.83
CA GLN A 208 10.95 2.47 12.04
C GLN A 208 11.10 3.12 10.68
N ILE A 209 10.74 2.37 9.64
CA ILE A 209 11.04 2.74 8.27
C ILE A 209 9.89 3.54 7.71
N SER A 210 10.11 4.84 7.56
CA SER A 210 9.04 5.74 7.13
C SER A 210 8.84 5.68 5.63
N GLN A 211 9.85 6.07 4.86
CA GLN A 211 9.76 6.09 3.40
C GLN A 211 10.33 4.76 2.86
N LEU A 212 10.34 4.57 1.54
CA LEU A 212 10.80 3.31 0.90
C LEU A 212 11.07 3.47 -0.62
N ASP A 213 12.07 2.76 -1.17
CA ASP A 213 12.36 2.74 -2.64
C ASP A 213 13.23 1.54 -3.10
N TYR A 214 13.47 1.37 -4.42
CA TYR A 214 14.07 0.14 -5.00
C TYR A 214 15.00 0.39 -6.22
N ASN A 215 15.96 -0.52 -6.43
CA ASN A 215 16.87 -0.52 -7.61
C ASN A 215 17.08 -1.94 -8.18
N SER A 216 17.25 -2.00 -9.51
CA SER A 216 17.30 -3.24 -10.30
C SER A 216 18.34 -4.26 -9.85
N TYR A 217 19.54 -3.80 -9.47
CA TYR A 217 20.49 -4.68 -8.81
C TYR A 217 20.46 -4.51 -7.30
N VAL A 218 20.59 -3.26 -6.84
CA VAL A 218 20.97 -2.98 -5.43
C VAL A 218 20.08 -3.69 -4.41
N GLY A 219 18.78 -3.70 -4.67
CA GLY A 219 17.81 -4.39 -3.83
C GLY A 219 16.89 -3.41 -3.17
N VAL A 220 16.51 -3.70 -1.93
CA VAL A 220 15.50 -2.94 -1.19
C VAL A 220 16.21 -1.83 -0.41
N ILE A 221 15.52 -0.70 -0.17
CA ILE A 221 16.10 0.47 0.51
C ILE A 221 15.24 0.95 1.69
N GLY A 222 15.88 1.49 2.73
CA GLY A 222 15.21 1.88 3.97
C GLY A 222 14.64 3.28 4.07
N ILE A 223 15.47 4.22 4.48
CA ILE A 223 15.07 5.62 4.75
C ILE A 223 14.17 5.74 6.00
N GLY A 224 14.57 6.68 6.85
CA GLY A 224 13.81 7.07 8.04
C GLY A 224 14.70 7.90 8.94
N ARG A 225 14.16 8.38 10.05
CA ARG A 225 14.96 9.06 11.08
C ARG A 225 15.76 8.01 11.87
N ILE A 226 16.27 8.33 13.07
CA ILE A 226 16.87 7.30 13.95
C ILE A 226 16.37 7.50 15.38
N LYS A 227 15.68 6.48 15.90
CA LYS A 227 14.97 6.61 17.18
C LYS A 227 15.94 6.40 18.33
N ARG A 228 16.73 5.33 18.26
CA ARG A 228 17.70 5.00 19.29
C ARG A 228 18.99 4.46 18.70
N GLY A 229 20.04 4.46 19.52
CA GLY A 229 21.33 3.85 19.19
C GLY A 229 21.98 4.37 17.91
N LYS A 230 22.90 3.56 17.39
CA LYS A 230 23.66 3.87 16.18
C LYS A 230 23.68 2.63 15.27
N VAL A 231 24.31 2.75 14.10
CA VAL A 231 24.40 1.64 13.16
C VAL A 231 25.77 1.55 12.49
N LYS A 232 26.29 0.32 12.38
CA LYS A 232 27.54 0.03 11.64
C LYS A 232 27.18 -0.68 10.35
N PRO A 233 28.10 -0.67 9.36
CA PRO A 233 27.74 -1.20 8.04
C PRO A 233 27.41 -2.70 8.08
N ASN A 234 28.33 -3.50 8.59
CA ASN A 234 28.08 -4.91 8.86
C ASN A 234 27.68 -5.03 10.34
N GLN A 235 26.39 -5.27 10.60
CA GLN A 235 25.86 -5.32 11.98
C GLN A 235 24.50 -6.02 12.05
N GLN A 236 24.43 -7.12 12.80
CA GLN A 236 23.22 -7.95 12.86
C GLN A 236 22.03 -7.21 13.51
N VAL A 237 20.83 -7.58 13.07
CA VAL A 237 19.59 -6.92 13.46
C VAL A 237 18.39 -7.85 13.28
N THR A 238 17.23 -7.38 13.72
CA THR A 238 15.98 -8.16 13.73
C THR A 238 14.78 -7.32 13.26
N ILE A 239 13.86 -7.96 12.52
CA ILE A 239 12.65 -7.31 11.97
C ILE A 239 11.45 -7.53 12.91
N ILE A 240 10.53 -6.55 12.98
CA ILE A 240 9.42 -6.52 13.98
C ILE A 240 8.03 -6.29 13.33
N ASP A 241 7.01 -6.88 13.97
CA ASP A 241 5.62 -7.09 13.50
C ASP A 241 5.50 -8.60 13.23
N SER A 242 6.59 -9.17 12.71
CA SER A 242 6.90 -10.62 12.78
C SER A 242 8.34 -10.83 13.40
N GLU A 243 9.05 -11.91 13.02
CA GLU A 243 10.29 -12.35 13.73
C GLU A 243 11.62 -12.25 12.97
N GLY A 244 11.61 -12.41 11.65
CA GLY A 244 12.84 -12.58 10.84
C GLY A 244 13.98 -11.65 11.20
N LYS A 245 15.21 -12.17 11.20
CA LYS A 245 16.37 -11.40 11.62
C LYS A 245 17.55 -11.60 10.68
N THR A 246 17.36 -11.09 9.46
CA THR A 246 18.39 -11.12 8.42
C THR A 246 19.53 -10.13 8.74
N ARG A 247 20.63 -10.24 7.98
CA ARG A 247 21.86 -9.47 8.22
C ARG A 247 21.82 -8.10 7.54
N ASN A 248 22.85 -7.29 7.79
CA ASN A 248 23.07 -5.98 7.14
C ASN A 248 24.43 -5.96 6.43
N ALA A 249 24.54 -5.17 5.36
CA ALA A 249 25.76 -5.06 4.55
C ALA A 249 26.26 -3.62 4.36
N LYS A 250 25.47 -2.79 3.67
CA LYS A 250 25.90 -1.45 3.23
C LYS A 250 24.94 -0.35 3.72
N VAL A 251 25.50 0.81 4.09
CA VAL A 251 24.74 1.95 4.69
C VAL A 251 25.24 3.29 4.15
N GLY A 252 24.32 4.24 3.98
CA GLY A 252 24.64 5.55 3.40
C GLY A 252 23.68 6.68 3.76
N LYS A 253 24.22 7.92 3.75
CA LYS A 253 23.49 9.11 4.21
C LYS A 253 23.31 10.14 3.08
N VAL A 254 23.13 11.43 3.41
CA VAL A 254 22.70 12.44 2.46
C VAL A 254 23.61 13.69 2.50
N LEU A 255 24.04 14.18 1.33
CA LEU A 255 24.81 15.43 1.18
C LEU A 255 24.60 15.99 -0.22
N GLY A 256 24.09 17.22 -0.30
CA GLY A 256 23.63 17.82 -1.54
C GLY A 256 22.56 16.96 -2.20
N HIS A 257 22.27 17.24 -3.47
CA HIS A 257 21.42 16.35 -4.27
C HIS A 257 22.16 15.05 -4.59
N LEU A 258 22.20 14.15 -3.61
CA LEU A 258 22.89 12.86 -3.73
C LEU A 258 22.70 12.06 -2.45
N GLY A 259 22.88 10.75 -2.57
CA GLY A 259 23.05 9.86 -1.43
C GLY A 259 24.45 9.28 -1.51
N LEU A 260 25.31 9.66 -0.56
CA LEU A 260 26.71 9.18 -0.49
C LEU A 260 26.87 8.18 0.65
N GLU A 261 27.86 7.28 0.53
CA GLU A 261 28.13 6.21 1.54
C GLU A 261 28.69 6.79 2.86
N ARG A 262 28.68 5.97 3.92
CA ARG A 262 29.11 6.36 5.27
C ARG A 262 29.58 5.13 6.03
N ILE A 263 30.61 5.29 6.87
CA ILE A 263 31.16 4.16 7.64
C ILE A 263 30.19 3.90 8.81
N GLU A 264 29.86 4.93 9.58
CA GLU A 264 28.82 4.85 10.63
C GLU A 264 28.25 6.21 11.08
N THR A 265 27.00 6.21 11.56
CA THR A 265 26.31 7.42 12.04
C THR A 265 25.30 7.12 13.17
N ASP A 266 25.00 8.15 13.95
CA ASP A 266 24.32 7.99 15.24
C ASP A 266 22.80 7.99 15.18
N LEU A 267 22.23 9.19 15.21
CA LEU A 267 20.90 9.39 15.76
C LEU A 267 20.31 10.59 15.09
N ALA A 268 18.99 10.64 15.06
CA ALA A 268 18.26 11.80 14.53
C ALA A 268 18.57 12.17 13.06
N GLU A 269 19.16 11.25 12.30
CA GLU A 269 19.65 11.53 10.95
C GLU A 269 18.75 10.88 9.92
N ALA A 270 18.09 11.67 9.07
CA ALA A 270 17.35 11.13 7.93
C ALA A 270 18.35 10.53 6.92
N GLY A 271 18.83 9.34 7.27
CA GLY A 271 19.84 8.62 6.51
C GLY A 271 19.25 7.30 6.05
N ASP A 272 19.74 6.81 4.91
CA ASP A 272 19.11 5.70 4.18
C ASP A 272 19.91 4.39 4.43
N ILE A 273 19.44 3.25 3.90
CA ILE A 273 20.10 1.94 4.16
C ILE A 273 19.70 0.80 3.21
N VAL A 274 20.64 -0.13 2.93
CA VAL A 274 20.39 -1.32 2.10
C VAL A 274 20.90 -2.66 2.65
N ALA A 275 20.47 -3.73 1.98
CA ALA A 275 20.94 -5.11 2.17
C ALA A 275 20.31 -5.79 3.40
N ILE A 276 18.98 -5.71 3.49
CA ILE A 276 18.20 -6.44 4.50
C ILE A 276 17.02 -7.13 3.82
N THR A 277 16.65 -8.29 4.34
CA THR A 277 15.47 -9.08 3.92
C THR A 277 15.57 -9.60 2.49
N GLU A 281 11.22 -9.83 2.85
CA GLU A 281 11.33 -8.45 2.36
C GLU A 281 11.06 -7.41 3.48
N LEU A 282 11.37 -6.16 3.17
CA LEU A 282 11.20 -5.02 4.10
C LEU A 282 9.98 -4.16 3.73
N ASN A 283 9.43 -3.39 4.67
CA ASN A 283 8.18 -2.65 4.43
C ASN A 283 8.08 -1.22 4.97
N ILE A 284 7.10 -0.48 4.45
CA ILE A 284 6.65 0.79 5.02
C ILE A 284 5.93 0.45 6.31
N SER A 285 6.15 1.25 7.35
CA SER A 285 5.61 0.99 8.70
C SER A 285 6.18 -0.29 9.36
N ASP A 286 7.31 -0.77 8.84
CA ASP A 286 7.99 -1.94 9.41
C ASP A 286 9.00 -1.37 10.39
N THR A 287 9.67 -2.26 11.12
CA THR A 287 10.68 -1.86 12.09
C THR A 287 11.77 -2.90 12.22
N VAL A 288 12.97 -2.46 12.61
CA VAL A 288 14.11 -3.36 12.76
C VAL A 288 15.12 -2.79 13.74
N CYS A 289 15.25 -3.44 14.89
CA CYS A 289 16.19 -3.00 15.92
C CYS A 289 17.33 -4.01 16.10
N ASP A 290 18.05 -3.87 17.20
CA ASP A 290 19.16 -4.77 17.50
C ASP A 290 18.68 -6.20 17.69
N THR A 291 19.42 -6.97 18.50
CA THR A 291 19.06 -8.35 18.76
C THR A 291 19.02 -8.63 20.26
N GLN A 292 19.54 -7.69 21.05
CA GLN A 292 19.55 -7.83 22.50
C GLN A 292 19.01 -6.57 23.18
N ASN A 293 18.25 -6.77 24.25
CA ASN A 293 17.68 -5.65 24.99
C ASN A 293 16.97 -4.66 24.08
N VAL A 294 15.88 -5.11 23.45
CA VAL A 294 15.10 -4.26 22.56
C VAL A 294 13.68 -4.77 22.41
N GLU A 295 13.04 -4.42 21.30
CA GLU A 295 11.67 -4.84 21.04
C GLU A 295 10.67 -4.05 21.90
N ALA A 296 9.65 -3.47 21.28
CA ALA A 296 9.43 -3.56 19.83
C ALA A 296 9.08 -2.20 19.24
N LEU A 297 8.46 -2.21 18.07
CA LEU A 297 8.07 -0.96 17.40
C LEU A 297 6.60 -1.00 17.01
N PRO A 298 5.82 0.03 17.52
CA PRO A 298 4.41 -0.02 17.12
C PRO A 298 4.11 0.92 15.95
N ALA A 299 2.99 1.64 16.03
CA ALA A 299 2.61 2.56 14.98
C ALA A 299 2.00 1.84 13.77
N LEU A 300 0.76 2.19 13.44
CA LEU A 300 0.06 1.58 12.31
C LEU A 300 0.19 2.44 11.03
N SER A 301 -0.28 3.69 10.99
CA SER A 301 -1.15 4.34 12.00
C SER A 301 -2.60 4.01 11.62
N VAL A 302 -2.88 4.20 10.33
CA VAL A 302 -4.05 3.61 9.68
C VAL A 302 -3.65 3.11 8.27
N ASP A 303 -2.41 2.64 8.14
CA ASP A 303 -1.87 2.11 6.87
C ASP A 303 -1.72 0.58 6.83
N GLU A 304 -1.95 -0.10 7.96
CA GLU A 304 -1.83 -1.58 8.03
C GLU A 304 -2.70 -2.29 6.99
N PRO A 305 -2.23 -3.45 6.50
CA PRO A 305 -3.03 -4.21 5.54
C PRO A 305 -4.08 -5.04 6.25
N THR A 306 -5.06 -5.51 5.47
CA THR A 306 -6.13 -6.39 5.97
C THR A 306 -6.24 -7.76 5.29
N VAL A 307 -5.59 -7.98 4.15
CA VAL A 307 -5.73 -9.22 3.39
C VAL A 307 -4.37 -9.77 2.95
N SER A 308 -4.22 -11.10 2.99
CA SER A 308 -3.02 -11.81 2.52
C SER A 308 -3.36 -12.81 1.41
N MET A 309 -2.52 -12.85 0.39
CA MET A 309 -2.55 -13.92 -0.63
C MET A 309 -1.12 -14.16 -1.19
N PHE A 310 -0.88 -15.35 -1.70
CA PHE A 310 0.44 -15.75 -2.21
C PHE A 310 0.63 -15.36 -3.67
N PHE A 311 1.89 -15.26 -4.07
CA PHE A 311 2.32 -15.01 -5.46
C PHE A 311 3.45 -16.01 -5.73
N CYS A 312 3.09 -17.16 -6.32
CA CYS A 312 4.06 -18.20 -6.67
C CYS A 312 4.04 -18.42 -8.18
N VAL A 313 5.21 -18.85 -8.69
CA VAL A 313 5.42 -18.96 -10.13
C VAL A 313 4.63 -20.13 -10.70
N ASN A 314 4.20 -19.98 -11.94
CA ASN A 314 3.39 -20.99 -12.60
C ASN A 314 4.24 -22.23 -12.93
N THR A 315 3.99 -23.33 -12.22
CA THR A 315 4.68 -24.61 -12.44
C THR A 315 3.82 -25.61 -13.21
N SER A 316 2.75 -25.13 -13.83
CA SER A 316 1.78 -25.99 -14.49
C SER A 316 2.12 -26.19 -15.97
N PRO A 317 1.38 -27.08 -16.68
CA PRO A 317 1.61 -27.36 -18.11
C PRO A 317 1.49 -26.21 -19.14
N PHE A 318 1.48 -24.95 -18.70
CA PHE A 318 1.83 -23.86 -19.60
C PHE A 318 3.00 -23.06 -18.99
N CYS A 319 4.08 -23.77 -18.63
CA CYS A 319 5.31 -23.18 -18.03
C CYS A 319 6.00 -22.24 -19.04
N GLY A 320 5.48 -21.01 -19.14
CA GLY A 320 6.03 -20.00 -20.03
C GLY A 320 5.61 -20.21 -21.46
N LYS A 321 4.30 -20.32 -21.68
CA LYS A 321 3.72 -20.54 -23.01
C LYS A 321 3.15 -19.27 -23.61
N GLU A 322 2.12 -18.72 -22.95
CA GLU A 322 1.26 -17.64 -23.50
C GLU A 322 1.81 -16.19 -23.35
N GLY A 323 2.69 -15.98 -22.38
CA GLY A 323 3.30 -14.68 -22.11
C GLY A 323 4.80 -14.73 -22.23
N LYS A 324 5.46 -13.96 -21.38
CA LYS A 324 6.93 -13.75 -21.47
C LYS A 324 7.68 -13.83 -20.14
N PHE A 325 7.18 -13.17 -19.10
CA PHE A 325 7.85 -13.15 -17.76
C PHE A 325 7.47 -14.32 -16.82
N VAL A 326 8.45 -15.16 -16.46
CA VAL A 326 8.20 -16.38 -15.65
C VAL A 326 9.20 -16.68 -14.51
N THR A 327 10.52 -16.62 -14.73
CA THR A 327 11.52 -17.02 -13.70
C THR A 327 11.52 -16.07 -12.50
N SER A 328 11.08 -16.57 -11.34
CA SER A 328 10.78 -15.78 -10.12
C SER A 328 11.63 -14.55 -9.81
N ARG A 329 12.86 -14.50 -10.34
CA ARG A 329 13.67 -13.28 -10.31
C ARG A 329 12.81 -12.03 -10.55
N GLN A 330 12.23 -11.95 -11.74
CA GLN A 330 11.58 -10.72 -12.24
C GLN A 330 10.21 -10.39 -11.62
N ILE A 331 9.51 -11.39 -11.10
CA ILE A 331 8.25 -11.15 -10.38
C ILE A 331 8.55 -10.32 -9.13
N LEU A 332 9.59 -10.74 -8.40
CA LEU A 332 10.07 -10.00 -7.23
C LEU A 332 10.26 -8.52 -7.58
N ASP A 333 11.02 -8.24 -8.65
CA ASP A 333 11.21 -6.86 -9.15
C ASP A 333 9.90 -6.14 -9.38
N ARG A 334 8.98 -6.81 -10.08
CA ARG A 334 7.67 -6.26 -10.38
C ARG A 334 6.86 -5.97 -9.10
N LEU A 335 6.91 -6.89 -8.15
CA LEU A 335 6.27 -6.68 -6.83
C LEU A 335 6.93 -5.53 -6.05
N ASN A 336 8.26 -5.51 -6.04
CA ASN A 336 9.04 -4.50 -5.30
C ASN A 336 8.78 -3.08 -5.80
N LYS A 337 8.95 -2.90 -7.10
CA LYS A 337 8.76 -1.60 -7.75
C LYS A 337 7.40 -0.94 -7.43
N GLU A 338 6.35 -1.73 -7.22
CA GLU A 338 5.05 -1.20 -6.76
C GLU A 338 5.18 -0.59 -5.35
N LEU A 339 5.93 -1.25 -4.47
CA LEU A 339 6.12 -0.77 -3.08
C LEU A 339 6.83 0.58 -2.90
N VAL A 340 7.32 1.16 -3.99
CA VAL A 340 7.84 2.54 -3.96
C VAL A 340 6.73 3.57 -3.76
N HIS A 341 5.76 3.62 -4.68
CA HIS A 341 4.65 4.59 -4.62
C HIS A 341 3.27 4.00 -4.25
N ASN A 342 3.19 2.68 -4.09
CA ASN A 342 2.04 2.05 -3.41
C ASN A 342 2.36 1.91 -1.92
N VAL A 343 1.70 2.72 -1.11
CA VAL A 343 1.95 2.79 0.33
C VAL A 343 1.18 1.68 1.02
N ALA A 344 -0.10 1.57 0.69
CA ALA A 344 -0.96 0.52 1.21
C ALA A 344 -0.65 -0.81 0.52
N LEU A 345 0.50 -1.38 0.87
CA LEU A 345 0.95 -2.68 0.35
C LEU A 345 2.12 -3.21 1.17
N ARG A 346 2.14 -4.52 1.38
CA ARG A 346 3.24 -5.19 2.08
C ARG A 346 3.56 -6.47 1.28
N VAL A 347 4.84 -6.83 1.21
CA VAL A 347 5.29 -8.07 0.55
C VAL A 347 6.21 -8.83 1.49
N GLU A 348 6.16 -10.17 1.45
CA GLU A 348 6.94 -11.03 2.37
C GLU A 348 7.60 -12.23 1.65
N GLU A 349 8.83 -12.58 2.07
CA GLU A 349 9.57 -13.74 1.56
C GLU A 349 9.15 -15.06 2.22
N THR A 350 9.48 -16.17 1.56
CA THR A 350 9.00 -17.51 1.96
C THR A 350 10.13 -18.54 2.12
N GLU A 351 9.75 -19.74 2.57
CA GLU A 351 10.66 -20.89 2.66
C GLU A 351 11.01 -21.38 1.25
N ASP A 352 9.97 -21.75 0.50
CA ASP A 352 10.11 -22.12 -0.92
C ASP A 352 10.26 -20.83 -1.72
N ALA A 353 11.43 -20.62 -2.30
CA ALA A 353 11.78 -19.32 -2.90
C ALA A 353 10.95 -18.89 -4.13
N ASP A 354 10.19 -19.81 -4.73
CA ASP A 354 9.26 -19.46 -5.83
C ASP A 354 7.86 -19.18 -5.30
N ALA A 355 7.78 -18.28 -4.33
CA ALA A 355 6.55 -17.94 -3.66
C ALA A 355 6.76 -16.70 -2.79
N PHE A 356 5.79 -15.79 -2.80
CA PHE A 356 5.85 -14.56 -2.01
C PHE A 356 4.45 -14.22 -1.51
N ARG A 357 4.33 -13.87 -0.23
CA ARG A 357 3.04 -13.44 0.33
C ARG A 357 2.92 -11.94 0.13
N VAL A 358 1.88 -11.50 -0.60
CA VAL A 358 1.64 -10.08 -0.87
C VAL A 358 0.34 -9.67 -0.18
N SER A 359 0.42 -8.63 0.65
CA SER A 359 -0.72 -8.13 1.41
C SER A 359 -1.03 -6.70 1.04
N GLY A 360 -2.25 -6.26 1.33
CA GLY A 360 -2.67 -4.88 1.02
C GLY A 360 -3.90 -4.39 1.76
N ARG A 361 -4.31 -3.16 1.44
CA ARG A 361 -5.50 -2.53 2.05
C ARG A 361 -6.81 -3.24 1.71
N GLY A 362 -6.84 -4.07 0.66
CA GLY A 362 -8.03 -4.85 0.34
C GLY A 362 -7.82 -5.98 -0.67
N GLU A 363 -8.91 -6.41 -1.30
CA GLU A 363 -8.90 -7.42 -2.38
C GLU A 363 -8.75 -6.77 -3.75
N LEU A 364 -9.58 -5.74 -4.01
CA LEU A 364 -9.47 -4.94 -5.23
C LEU A 364 -8.26 -4.00 -5.23
N HIS A 365 -7.61 -3.80 -4.08
CA HIS A 365 -6.27 -3.18 -4.03
C HIS A 365 -5.17 -4.14 -4.48
N LEU A 366 -5.40 -5.44 -4.29
CA LEU A 366 -4.53 -6.52 -4.78
C LEU A 366 -4.89 -7.05 -6.17
N SER A 367 -6.17 -7.06 -6.51
CA SER A 367 -6.61 -7.51 -7.84
C SER A 367 -6.18 -6.55 -8.96
N VAL A 368 -6.01 -5.26 -8.62
CA VAL A 368 -5.42 -4.26 -9.54
C VAL A 368 -3.98 -4.63 -9.92
N LEU A 369 -3.15 -4.91 -8.92
CA LEU A 369 -1.77 -5.37 -9.16
C LEU A 369 -1.74 -6.54 -10.12
N ILE A 370 -2.62 -7.51 -9.88
CA ILE A 370 -2.66 -8.73 -10.68
C ILE A 370 -3.02 -8.39 -12.14
N GLU A 371 -4.16 -7.73 -12.33
CA GLU A 371 -4.66 -7.42 -13.68
C GLU A 371 -3.67 -6.57 -14.47
N ASN A 372 -2.99 -5.63 -13.80
CA ASN A 372 -1.91 -4.82 -14.44
C ASN A 372 -0.79 -5.72 -14.99
N MET A 373 -0.35 -6.68 -14.18
CA MET A 373 0.76 -7.59 -14.57
C MET A 373 0.40 -8.51 -15.73
N ARG A 374 -0.87 -8.89 -15.83
CA ARG A 374 -1.34 -9.69 -16.96
C ARG A 374 -0.97 -9.03 -18.29
N ARG A 375 -1.41 -7.78 -18.48
CA ARG A 375 -1.21 -7.04 -19.73
C ARG A 375 0.27 -6.76 -20.02
N GLU A 376 1.10 -6.69 -18.98
CA GLU A 376 2.55 -6.60 -19.16
C GLU A 376 3.18 -7.89 -19.72
N GLY A 377 2.48 -9.01 -19.54
CA GLY A 377 2.89 -10.28 -20.11
C GLY A 377 3.47 -11.22 -19.08
N PHE A 378 2.81 -11.36 -17.94
CA PHE A 378 3.28 -12.23 -16.85
C PHE A 378 2.50 -13.54 -16.84
N GLU A 379 3.16 -14.60 -16.36
CA GLU A 379 2.53 -15.87 -16.09
C GLU A 379 2.94 -16.32 -14.70
N LEU A 380 1.95 -16.50 -13.84
CA LEU A 380 2.15 -16.85 -12.44
C LEU A 380 0.81 -17.30 -11.82
N ALA A 381 0.83 -17.61 -10.53
CA ALA A 381 -0.39 -18.03 -9.82
C ALA A 381 -0.44 -17.47 -8.42
N VAL A 382 -1.67 -17.31 -7.92
CA VAL A 382 -1.92 -16.69 -6.62
C VAL A 382 -2.92 -17.51 -5.80
N SER A 383 -2.70 -17.60 -4.49
CA SER A 383 -3.59 -18.33 -3.59
C SER A 383 -4.78 -17.46 -3.14
N ARG A 384 -5.73 -18.06 -2.41
CA ARG A 384 -6.99 -17.38 -2.05
C ARG A 384 -6.79 -16.34 -0.95
N PRO A 385 -7.59 -15.26 -0.99
CA PRO A 385 -7.44 -14.23 0.03
C PRO A 385 -7.93 -14.72 1.39
N LYS A 386 -7.00 -14.90 2.31
CA LYS A 386 -7.29 -15.02 3.72
C LYS A 386 -7.09 -13.61 4.34
N VAL A 387 -7.84 -13.32 5.40
CA VAL A 387 -7.79 -12.01 6.05
C VAL A 387 -6.53 -11.84 6.90
N ILE A 388 -6.28 -10.62 7.39
CA ILE A 388 -5.21 -10.36 8.39
C ILE A 388 -5.86 -10.04 9.72
N PHE A 389 -6.08 -11.08 10.52
CA PHE A 389 -6.59 -10.93 11.88
C PHE A 389 -5.48 -10.36 12.76
N ARG A 390 -5.23 -9.05 12.59
CA ARG A 390 -4.18 -8.33 13.32
C ARG A 390 -4.58 -8.28 14.79
N GLU A 391 -3.71 -8.80 15.67
CA GLU A 391 -4.05 -8.93 17.10
C GLU A 391 -4.11 -7.53 17.74
N ILE A 392 -5.35 -7.12 18.04
CA ILE A 392 -5.64 -5.85 18.71
C ILE A 392 -6.18 -6.20 20.11
N ASP A 393 -5.25 -6.20 21.08
CA ASP A 393 -5.55 -6.17 22.52
C ASP A 393 -6.37 -7.36 23.09
N GLY A 394 -5.66 -8.39 23.55
CA GLY A 394 -6.31 -9.56 24.17
C GLY A 394 -6.95 -10.51 23.17
N ARG A 395 -8.11 -10.11 22.61
CA ARG A 395 -8.85 -10.93 21.65
C ARG A 395 -8.39 -10.72 20.21
N LYS A 396 -8.21 -11.82 19.47
CA LYS A 396 -7.66 -11.79 18.11
C LYS A 396 -8.65 -11.19 17.11
N GLN A 397 -8.71 -9.86 17.08
CA GLN A 397 -9.62 -9.11 16.20
C GLN A 397 -9.37 -9.31 14.69
N GLU A 398 -10.46 -9.30 13.90
CA GLU A 398 -10.40 -9.34 12.42
C GLU A 398 -11.07 -8.07 11.80
N PRO A 399 -10.84 -7.79 10.48
CA PRO A 399 -11.38 -6.56 9.86
C PRO A 399 -12.76 -6.70 9.22
N TYR A 400 -13.52 -5.60 9.25
CA TYR A 400 -14.94 -5.55 8.82
C TYR A 400 -15.14 -4.47 7.75
N GLU A 401 -16.27 -4.55 7.04
CA GLU A 401 -16.63 -3.60 5.98
C GLU A 401 -18.07 -3.09 6.11
N ASN A 402 -18.27 -1.77 5.92
CA ASN A 402 -19.59 -1.17 5.76
C ASN A 402 -20.09 -1.50 4.35
N VAL A 403 -21.16 -2.30 4.28
CA VAL A 403 -21.70 -2.80 3.02
C VAL A 403 -22.97 -2.07 2.62
N THR A 404 -23.04 -1.71 1.34
CA THR A 404 -24.17 -1.02 0.75
C THR A 404 -24.73 -1.89 -0.39
N LEU A 405 -26.06 -2.12 -0.35
CA LEU A 405 -26.77 -2.86 -1.39
C LEU A 405 -27.95 -2.04 -1.91
N ASP A 406 -28.12 -2.10 -3.24
CA ASP A 406 -29.30 -1.57 -3.91
C ASP A 406 -29.79 -2.70 -4.82
N VAL A 407 -30.83 -3.37 -4.36
CA VAL A 407 -31.43 -4.49 -5.08
C VAL A 407 -32.94 -4.28 -5.17
N GLU A 408 -33.57 -4.99 -6.09
CA GLU A 408 -35.03 -4.89 -6.30
C GLU A 408 -35.76 -5.65 -5.19
N GLU A 409 -36.97 -5.19 -4.82
CA GLU A 409 -37.72 -5.74 -3.65
C GLU A 409 -37.86 -7.26 -3.61
N GLN A 410 -38.01 -7.88 -4.78
CA GLN A 410 -38.06 -9.35 -4.89
C GLN A 410 -36.73 -10.05 -4.51
N HIS A 411 -35.61 -9.34 -4.60
CA HIS A 411 -34.29 -9.86 -4.19
C HIS A 411 -33.87 -9.57 -2.74
N GLN A 412 -34.74 -8.94 -1.95
CA GLN A 412 -34.42 -8.65 -0.54
C GLN A 412 -34.39 -9.93 0.30
N GLY A 413 -35.51 -10.65 0.37
CA GLY A 413 -35.66 -11.90 1.15
C GLY A 413 -34.59 -12.95 0.95
N SER A 414 -34.02 -12.98 -0.26
CA SER A 414 -32.84 -13.78 -0.59
C SER A 414 -31.54 -13.22 0.01
N VAL A 415 -31.28 -11.95 -0.29
CA VAL A 415 -30.02 -11.31 0.10
C VAL A 415 -29.90 -11.22 1.66
N MET A 416 -31.04 -11.02 2.36
CA MET A 416 -31.07 -11.08 3.83
C MET A 416 -30.67 -12.47 4.39
N GLN A 417 -31.15 -13.52 3.73
CA GLN A 417 -30.81 -14.91 4.08
C GLN A 417 -29.34 -15.22 3.82
N ALA A 418 -28.87 -14.85 2.63
CA ALA A 418 -27.49 -15.13 2.18
C ALA A 418 -26.40 -14.47 3.02
N LEU A 419 -26.74 -13.32 3.62
CA LEU A 419 -25.81 -12.55 4.45
C LEU A 419 -25.97 -12.85 5.94
N GLY A 420 -27.21 -13.02 6.41
CA GLY A 420 -27.49 -13.56 7.75
C GLY A 420 -26.74 -14.87 8.07
N GLU A 421 -26.40 -15.64 7.03
CA GLU A 421 -25.51 -16.85 7.10
C GLU A 421 -23.97 -16.56 7.13
N ARG A 422 -23.56 -15.38 6.64
CA ARG A 422 -22.16 -14.92 6.68
C ARG A 422 -21.89 -13.92 7.83
N LYS A 423 -22.64 -14.05 8.93
CA LYS A 423 -22.62 -13.10 10.04
C LYS A 423 -23.04 -11.69 9.58
N GLY A 424 -24.24 -11.62 9.01
CA GLY A 424 -24.81 -10.40 8.46
C GLY A 424 -25.74 -9.65 9.39
N ASP A 425 -25.12 -8.85 10.26
CA ASP A 425 -25.85 -7.96 11.17
C ASP A 425 -26.31 -6.76 10.32
N LEU A 426 -27.64 -6.61 10.16
CA LEU A 426 -28.21 -5.45 9.44
C LEU A 426 -28.25 -4.22 10.35
N LYS A 427 -27.99 -3.04 9.78
CA LYS A 427 -28.07 -1.77 10.50
C LYS A 427 -29.32 -0.97 10.14
N ASN A 428 -29.37 -0.37 8.95
CA ASN A 428 -30.44 0.56 8.56
C ASN A 428 -30.85 0.32 7.12
N MET A 429 -31.75 -0.64 6.93
CA MET A 429 -32.49 -0.76 5.68
C MET A 429 -33.39 0.48 5.50
N ASN A 430 -33.47 0.95 4.25
CA ASN A 430 -34.21 2.16 3.92
C ASN A 430 -34.93 1.95 2.59
N PRO A 431 -36.27 1.70 2.61
CA PRO A 431 -37.03 1.58 1.35
C PRO A 431 -37.21 2.93 0.65
N ASP A 432 -37.11 2.94 -0.68
CA ASP A 432 -37.10 4.20 -1.46
C ASP A 432 -38.30 4.37 -2.43
N GLY A 433 -39.50 4.01 -1.96
CA GLY A 433 -40.74 4.28 -2.69
C GLY A 433 -40.96 3.47 -3.95
N LYS A 434 -40.16 3.78 -4.98
CA LYS A 434 -40.08 3.06 -6.28
C LYS A 434 -40.65 1.64 -6.39
N GLY A 435 -40.22 0.76 -5.49
CA GLY A 435 -40.29 -0.69 -5.68
C GLY A 435 -38.90 -1.30 -5.56
N ARG A 436 -37.88 -0.44 -5.65
CA ARG A 436 -36.49 -0.76 -5.37
C ARG A 436 -36.22 -0.47 -3.89
N VAL A 437 -35.32 -1.23 -3.27
CA VAL A 437 -35.01 -1.09 -1.84
C VAL A 437 -33.52 -0.97 -1.63
N ARG A 438 -33.14 -0.17 -0.64
CA ARG A 438 -31.74 0.03 -0.26
C ARG A 438 -31.48 -0.69 1.05
N LEU A 439 -30.25 -1.20 1.20
CA LEU A 439 -29.84 -1.90 2.42
C LEU A 439 -28.39 -1.59 2.79
N ASP A 440 -28.14 -1.45 4.10
CA ASP A 440 -26.83 -1.10 4.63
C ASP A 440 -26.40 -2.12 5.68
N TYR A 441 -25.61 -3.10 5.26
CA TYR A 441 -25.06 -4.12 6.17
C TYR A 441 -23.69 -3.73 6.70
N VAL A 442 -23.23 -4.49 7.70
CA VAL A 442 -21.81 -4.51 8.10
C VAL A 442 -21.44 -5.97 8.34
N ILE A 443 -20.32 -6.40 7.77
CA ILE A 443 -19.97 -7.83 7.72
C ILE A 443 -18.44 -8.01 7.80
N PRO A 444 -17.97 -9.15 8.39
CA PRO A 444 -16.53 -9.42 8.42
C PRO A 444 -15.95 -9.68 7.03
N SER A 445 -14.82 -9.05 6.76
CA SER A 445 -14.10 -9.26 5.51
C SER A 445 -14.06 -10.74 5.15
N ARG A 446 -13.66 -11.56 6.12
CA ARG A 446 -13.57 -13.01 5.94
C ARG A 446 -14.87 -13.60 5.37
N GLY A 447 -16.00 -13.13 5.89
CA GLY A 447 -17.32 -13.58 5.43
C GLY A 447 -17.85 -12.96 4.15
N LEU A 448 -17.24 -11.86 3.69
CA LEU A 448 -17.69 -11.17 2.47
C LEU A 448 -17.03 -11.69 1.17
N ILE A 449 -16.23 -12.73 1.28
CA ILE A 449 -15.63 -13.39 0.13
C ILE A 449 -16.70 -14.34 -0.44
N GLY A 450 -17.16 -14.07 -1.66
CA GLY A 450 -18.08 -14.98 -2.36
C GLY A 450 -19.42 -14.36 -2.74
N PHE A 451 -19.97 -13.52 -1.86
CA PHE A 451 -21.27 -12.83 -2.14
C PHE A 451 -21.19 -11.84 -3.31
N ARG A 452 -19.98 -11.46 -3.76
CA ARG A 452 -19.80 -10.68 -5.00
C ARG A 452 -20.23 -11.45 -6.26
N SER A 453 -20.12 -12.78 -6.23
CA SER A 453 -20.69 -13.65 -7.27
C SER A 453 -22.20 -13.86 -7.07
N GLU A 454 -22.60 -14.13 -5.83
CA GLU A 454 -24.01 -14.49 -5.52
C GLU A 454 -24.99 -13.31 -5.56
N PHE A 455 -24.66 -12.17 -4.93
CA PHE A 455 -25.51 -10.95 -5.03
C PHE A 455 -25.58 -10.36 -6.47
N MET A 456 -24.77 -10.90 -7.40
CA MET A 456 -24.94 -10.73 -8.86
C MET A 456 -25.78 -11.86 -9.47
N THR A 457 -25.52 -13.11 -9.07
CA THR A 457 -26.27 -14.30 -9.53
C THR A 457 -27.76 -14.29 -9.12
N MET A 458 -28.07 -13.65 -7.98
CA MET A 458 -29.45 -13.54 -7.50
C MET A 458 -30.21 -12.47 -8.28
N THR A 459 -29.67 -11.26 -8.23
CA THR A 459 -30.30 -10.07 -8.79
C THR A 459 -30.35 -10.11 -10.32
N SER A 460 -29.42 -10.88 -10.92
CA SER A 460 -29.43 -11.17 -12.36
C SER A 460 -29.04 -9.94 -13.19
N GLY A 461 -27.89 -9.35 -12.84
CA GLY A 461 -27.39 -8.12 -13.48
C GLY A 461 -27.58 -6.86 -12.66
N THR A 462 -28.66 -6.79 -11.89
CA THR A 462 -29.05 -5.59 -11.12
C THR A 462 -28.61 -5.65 -9.65
N GLY A 463 -27.39 -6.14 -9.40
CA GLY A 463 -26.88 -6.33 -8.04
C GLY A 463 -25.98 -5.20 -7.63
N LEU A 464 -26.55 -4.00 -7.61
CA LEU A 464 -25.77 -2.79 -7.40
C LEU A 464 -25.08 -2.94 -6.05
N LEU A 465 -23.76 -3.14 -6.07
CA LEU A 465 -23.00 -3.37 -4.86
C LEU A 465 -21.49 -3.18 -5.01
N TYR A 466 -20.97 -2.18 -4.29
CA TYR A 466 -19.63 -2.25 -3.70
C TYR A 466 -19.61 -1.54 -2.34
N SER A 467 -18.59 -1.82 -1.54
CA SER A 467 -18.56 -1.49 -0.10
C SER A 467 -17.20 -0.99 0.36
N THR A 468 -17.15 -0.37 1.53
CA THR A 468 -15.91 0.24 2.06
C THR A 468 -15.47 -0.43 3.37
N PHE A 469 -14.16 -0.40 3.65
CA PHE A 469 -13.60 -0.87 4.92
C PHE A 469 -14.05 0.04 6.05
N SER A 470 -14.31 -0.55 7.21
CA SER A 470 -14.77 0.19 8.37
C SER A 470 -13.65 0.25 9.42
N HIS A 471 -13.45 -0.84 10.14
CA HIS A 471 -12.40 -0.90 11.16
C HIS A 471 -12.17 -2.33 11.63
N TYR A 472 -11.39 -2.48 12.69
CA TYR A 472 -11.08 -3.79 13.24
C TYR A 472 -12.03 -4.16 14.37
N ASP A 473 -12.78 -5.24 14.18
CA ASP A 473 -13.73 -5.69 15.19
C ASP A 473 -13.41 -7.10 15.67
N ASP A 474 -14.18 -7.59 16.64
CA ASP A 474 -13.97 -8.92 17.19
C ASP A 474 -14.09 -9.99 16.10
N VAL A 475 -14.00 -11.26 16.51
CA VAL A 475 -14.10 -12.37 15.59
C VAL A 475 -15.56 -12.69 15.27
N ARG A 476 -15.77 -13.61 14.34
CA ARG A 476 -17.12 -14.01 13.95
C ARG A 476 -17.90 -14.62 15.13
N PRO A 477 -17.35 -15.70 15.85
CA PRO A 477 -16.03 -16.19 15.39
C PRO A 477 -16.17 -17.44 14.53
N GLY A 478 -15.12 -18.26 14.49
CA GLY A 478 -15.13 -19.47 13.70
C GLY A 478 -15.21 -19.20 12.21
N GLU A 479 -14.93 -20.23 11.41
CA GLU A 479 -14.97 -20.10 9.97
C GLU A 479 -16.39 -19.84 9.48
N VAL A 480 -16.52 -18.97 8.48
CA VAL A 480 -17.84 -18.62 7.91
C VAL A 480 -17.85 -18.50 6.39
N GLY A 481 -16.81 -17.89 5.81
CA GLY A 481 -16.66 -17.77 4.36
C GLY A 481 -16.01 -18.98 3.70
N GLN A 482 -16.70 -20.11 3.74
CA GLN A 482 -16.29 -21.33 3.05
C GLN A 482 -17.41 -21.74 2.11
N ARG A 483 -17.02 -22.24 0.93
CA ARG A 483 -17.98 -22.70 -0.07
C ARG A 483 -18.42 -24.13 0.26
N GLN A 484 -19.49 -24.56 -0.42
CA GLN A 484 -20.03 -25.92 -0.29
C GLN A 484 -19.38 -26.89 -1.26
N ASN A 485 -19.50 -26.54 -2.53
CA ASN A 485 -19.37 -27.47 -3.63
C ASN A 485 -17.94 -27.97 -3.82
N GLY A 486 -17.83 -29.14 -4.45
CA GLY A 486 -16.56 -29.62 -4.98
C GLY A 486 -16.41 -29.10 -6.40
N VAL A 487 -15.65 -29.81 -7.22
CA VAL A 487 -15.40 -29.40 -8.60
C VAL A 487 -15.20 -30.59 -9.54
N LEU A 488 -15.40 -30.32 -10.83
CA LEU A 488 -15.22 -31.33 -11.88
C LEU A 488 -13.80 -31.22 -12.45
N ILE A 489 -12.92 -32.11 -12.00
CA ILE A 489 -11.48 -32.03 -12.31
C ILE A 489 -11.13 -32.95 -13.49
N SER A 490 -10.12 -32.55 -14.27
CA SER A 490 -9.68 -33.29 -15.48
C SER A 490 -8.73 -34.45 -15.15
N ASN A 491 -8.19 -35.09 -16.18
CA ASN A 491 -7.12 -36.08 -16.01
C ASN A 491 -6.23 -36.28 -17.25
N GLY A 492 -5.97 -35.19 -17.98
CA GLY A 492 -5.13 -35.25 -19.19
C GLY A 492 -5.24 -34.04 -20.10
N GLN A 493 -4.27 -33.90 -20.99
CA GLN A 493 -4.21 -32.78 -21.96
C GLN A 493 -5.06 -33.08 -23.20
N GLY A 494 -5.67 -32.03 -23.74
CA GLY A 494 -6.45 -32.13 -24.99
C GLY A 494 -7.64 -31.19 -24.99
N LYS A 495 -8.42 -31.25 -26.06
CA LYS A 495 -9.60 -30.39 -26.21
C LYS A 495 -10.85 -31.09 -25.70
N ALA A 496 -11.70 -30.33 -25.01
CA ALA A 496 -12.98 -30.82 -24.53
C ALA A 496 -13.93 -31.04 -25.70
N VAL A 497 -14.71 -32.13 -25.63
CA VAL A 497 -15.49 -32.66 -26.77
C VAL A 497 -16.99 -32.84 -26.43
N ALA A 498 -17.84 -32.84 -27.45
CA ALA A 498 -19.26 -33.25 -27.33
C ALA A 498 -19.41 -34.61 -26.65
N PHE A 499 -18.61 -35.57 -27.11
CA PHE A 499 -18.35 -36.90 -26.47
C PHE A 499 -18.37 -36.91 -24.93
N ALA A 500 -17.78 -35.89 -24.29
CA ALA A 500 -17.72 -35.79 -22.82
C ALA A 500 -18.60 -34.68 -22.23
N LEU A 501 -18.42 -33.43 -22.70
CA LEU A 501 -19.00 -32.24 -22.04
C LEU A 501 -20.52 -32.23 -21.89
N PHE A 502 -21.24 -32.71 -22.91
CA PHE A 502 -22.70 -32.83 -22.82
C PHE A 502 -23.10 -33.85 -21.74
N GLY A 503 -22.25 -34.85 -21.49
CA GLY A 503 -22.44 -35.84 -20.42
C GLY A 503 -22.00 -35.41 -19.03
N LEU A 504 -20.88 -34.68 -18.95
CA LEU A 504 -20.35 -34.22 -17.67
C LEU A 504 -21.25 -33.13 -17.05
N GLN A 505 -21.74 -32.23 -17.89
CA GLN A 505 -22.52 -31.08 -17.42
C GLN A 505 -23.85 -31.38 -16.69
N ASP A 506 -24.27 -32.65 -16.65
CA ASP A 506 -25.42 -33.06 -15.82
C ASP A 506 -25.15 -33.00 -14.31
N ARG A 507 -23.89 -33.16 -13.93
CA ARG A 507 -23.48 -33.09 -12.53
C ARG A 507 -22.86 -31.72 -12.24
N GLY A 508 -23.68 -30.67 -12.32
CA GLY A 508 -23.22 -29.29 -12.13
C GLY A 508 -22.74 -28.60 -13.41
N LYS A 509 -22.17 -27.40 -13.27
CA LYS A 509 -21.98 -26.44 -14.39
C LYS A 509 -20.56 -26.49 -15.04
N LEU A 510 -20.24 -25.56 -15.96
CA LEU A 510 -18.93 -25.52 -16.67
C LEU A 510 -18.37 -24.10 -16.94
N PHE A 511 -17.08 -23.91 -16.64
CA PHE A 511 -16.31 -22.72 -17.05
C PHE A 511 -15.87 -22.79 -18.53
N LEU A 512 -15.92 -23.97 -19.15
CA LEU A 512 -15.46 -24.17 -20.54
C LEU A 512 -16.50 -24.90 -21.41
N GLY A 513 -16.26 -24.89 -22.72
CA GLY A 513 -17.16 -25.49 -23.72
C GLY A 513 -16.42 -26.26 -24.80
N HIS A 514 -17.10 -26.44 -25.94
CA HIS A 514 -16.62 -27.29 -27.05
C HIS A 514 -15.26 -26.82 -27.58
N GLY A 515 -14.22 -27.61 -27.32
CA GLY A 515 -12.88 -27.32 -27.80
C GLY A 515 -12.16 -26.30 -26.95
N ALA A 516 -11.20 -26.76 -26.16
CA ALA A 516 -10.41 -25.90 -25.27
C ALA A 516 -9.27 -26.72 -24.68
N GLU A 517 -8.03 -26.36 -25.01
CA GLU A 517 -6.85 -27.11 -24.52
C GLU A 517 -6.76 -27.07 -22.99
N VAL A 518 -6.96 -28.24 -22.37
CA VAL A 518 -6.84 -28.39 -20.90
C VAL A 518 -5.59 -29.23 -20.55
N TYR A 519 -5.39 -29.50 -19.25
CA TYR A 519 -4.31 -30.37 -18.76
C TYR A 519 -4.69 -31.08 -17.45
N GLU A 520 -3.86 -32.03 -17.01
CA GLU A 520 -4.14 -32.80 -15.79
C GLU A 520 -3.95 -31.94 -14.56
N GLY A 521 -5.03 -31.78 -13.79
CA GLY A 521 -5.04 -30.95 -12.59
C GLY A 521 -5.84 -29.66 -12.65
N GLN A 522 -6.74 -29.55 -13.64
CA GLN A 522 -7.55 -28.34 -13.83
C GLN A 522 -9.01 -28.54 -13.57
N ILE A 523 -9.65 -27.42 -13.28
CA ILE A 523 -11.07 -27.37 -13.07
C ILE A 523 -11.68 -26.79 -14.35
N ILE A 524 -12.65 -27.55 -14.88
CA ILE A 524 -13.46 -27.15 -16.01
C ILE A 524 -14.86 -26.63 -15.57
N GLY A 525 -15.28 -26.97 -14.35
CA GLY A 525 -16.62 -26.63 -13.85
C GLY A 525 -16.96 -27.09 -12.43
N ILE A 526 -18.22 -26.85 -12.04
CA ILE A 526 -18.74 -27.09 -10.68
C ILE A 526 -19.47 -28.45 -10.60
N HIS A 527 -19.47 -29.05 -9.40
CA HIS A 527 -20.25 -30.27 -9.13
C HIS A 527 -21.48 -29.94 -8.28
N SER A 528 -22.57 -30.68 -8.51
CA SER A 528 -23.86 -30.37 -7.85
C SER A 528 -23.93 -30.67 -6.34
N ARG A 529 -22.98 -31.45 -5.81
CA ARG A 529 -22.83 -31.71 -4.36
C ARG A 529 -21.49 -31.15 -3.85
N SER A 530 -21.24 -31.29 -2.54
CA SER A 530 -20.02 -30.77 -1.90
C SER A 530 -18.72 -31.49 -2.27
N ASN A 531 -18.84 -32.78 -2.58
CA ASN A 531 -17.69 -33.60 -2.99
C ASN A 531 -17.21 -33.32 -4.42
N ASP A 532 -15.95 -33.67 -4.70
CA ASP A 532 -15.27 -33.40 -5.97
C ASP A 532 -15.26 -34.63 -6.90
N LEU A 533 -14.80 -34.45 -8.15
CA LEU A 533 -14.74 -35.54 -9.15
C LEU A 533 -13.60 -35.41 -10.16
N THR A 534 -13.05 -36.57 -10.57
CA THR A 534 -12.04 -36.65 -11.61
C THR A 534 -12.67 -37.29 -12.85
N VAL A 535 -12.66 -36.55 -13.97
CA VAL A 535 -13.26 -37.01 -15.22
C VAL A 535 -12.34 -36.80 -16.43
N ASN A 536 -12.67 -37.44 -17.55
CA ASN A 536 -11.94 -37.29 -18.81
C ASN A 536 -12.86 -36.61 -19.82
N CYS A 537 -12.31 -35.58 -20.47
CA CYS A 537 -13.05 -34.71 -21.40
C CYS A 537 -12.80 -35.02 -22.89
N LEU A 538 -11.75 -35.78 -23.19
CA LEU A 538 -11.33 -36.03 -24.57
C LEU A 538 -12.23 -37.13 -25.13
N THR A 539 -12.34 -38.21 -24.35
CA THR A 539 -13.40 -39.18 -24.49
C THR A 539 -14.25 -39.04 -23.22
N ALA A 554 -26.17 -35.14 -30.68
CA ALA A 554 -27.10 -34.22 -30.04
C ALA A 554 -26.35 -33.19 -29.20
N VAL A 555 -25.53 -32.38 -29.85
CA VAL A 555 -24.75 -31.36 -29.16
C VAL A 555 -24.37 -30.22 -30.12
N VAL A 556 -24.94 -29.03 -29.91
CA VAL A 556 -25.88 -28.77 -28.83
C VAL A 556 -25.22 -28.88 -27.46
N LEU A 557 -24.66 -27.77 -27.00
CA LEU A 557 -23.99 -27.73 -25.71
C LEU A 557 -24.25 -26.42 -24.98
N VAL A 558 -24.13 -26.45 -23.66
CA VAL A 558 -24.35 -25.25 -22.84
C VAL A 558 -23.12 -24.36 -22.81
N PRO A 559 -23.32 -23.04 -23.21
CA PRO A 559 -22.10 -22.21 -23.17
C PRO A 559 -21.43 -22.27 -21.80
N PRO A 560 -20.18 -21.66 -21.70
CA PRO A 560 -19.58 -21.74 -20.36
C PRO A 560 -19.79 -20.45 -19.57
N ILE A 561 -19.32 -20.43 -18.34
CA ILE A 561 -19.46 -19.25 -17.48
C ILE A 561 -18.27 -18.31 -17.64
N ARG A 562 -18.49 -17.02 -17.41
CA ARG A 562 -17.45 -16.02 -17.53
C ARG A 562 -16.79 -15.75 -16.18
N MET A 563 -15.79 -16.57 -15.84
CA MET A 563 -15.08 -16.42 -14.58
C MET A 563 -13.92 -15.45 -14.71
N THR A 564 -14.13 -14.22 -14.24
CA THR A 564 -13.10 -13.19 -14.30
C THR A 564 -12.03 -13.40 -13.23
N LEU A 565 -11.07 -12.49 -13.17
CA LEU A 565 -9.99 -12.58 -12.19
C LEU A 565 -10.52 -12.64 -10.76
N GLU A 566 -11.12 -11.54 -10.29
CA GLU A 566 -11.53 -11.44 -8.89
C GLU A 566 -12.59 -12.49 -8.50
N GLN A 567 -13.42 -12.88 -9.48
CA GLN A 567 -14.35 -14.00 -9.30
C GLN A 567 -13.62 -15.32 -9.09
N ALA A 568 -12.53 -15.55 -9.84
CA ALA A 568 -11.68 -16.72 -9.63
C ALA A 568 -10.97 -16.68 -8.28
N LEU A 569 -10.53 -15.49 -7.86
CA LEU A 569 -9.86 -15.32 -6.56
C LEU A 569 -10.77 -15.66 -5.39
N GLU A 570 -11.97 -15.06 -5.37
CA GLU A 570 -12.97 -15.34 -4.32
C GLU A 570 -13.41 -16.80 -4.32
N PHE A 571 -13.38 -17.44 -5.48
CA PHE A 571 -13.88 -18.82 -5.65
C PHE A 571 -13.07 -19.91 -4.91
N ILE A 572 -11.76 -19.91 -5.10
CA ILE A 572 -10.89 -21.02 -4.66
C ILE A 572 -10.86 -21.30 -3.13
N ASP A 573 -10.70 -22.58 -2.79
CA ASP A 573 -10.61 -23.07 -1.39
C ASP A 573 -9.16 -23.00 -0.90
N ASP A 574 -8.94 -23.46 0.33
CA ASP A 574 -7.57 -23.55 0.89
C ASP A 574 -6.71 -24.73 0.34
N ASP A 575 -7.09 -25.33 -0.82
CA ASP A 575 -6.23 -26.28 -1.57
C ASP A 575 -6.37 -26.13 -3.12
N GLU A 576 -6.49 -24.89 -3.59
CA GLU A 576 -6.65 -24.56 -5.02
C GLU A 576 -5.94 -23.27 -5.37
N LEU A 577 -5.46 -23.16 -6.61
CA LEU A 577 -4.76 -21.96 -7.08
C LEU A 577 -5.37 -21.39 -8.36
N VAL A 578 -5.11 -20.11 -8.59
CA VAL A 578 -5.61 -19.37 -9.75
C VAL A 578 -4.44 -19.14 -10.69
N GLU A 579 -4.50 -19.82 -11.85
CA GLU A 579 -3.51 -19.65 -12.92
C GLU A 579 -3.93 -18.46 -13.80
N VAL A 580 -3.06 -17.44 -13.85
CA VAL A 580 -3.30 -16.24 -14.66
C VAL A 580 -2.20 -16.06 -15.72
N THR A 581 -2.64 -15.79 -16.94
CA THR A 581 -1.76 -15.60 -18.10
C THR A 581 -2.18 -14.31 -18.78
N PRO A 582 -1.39 -13.83 -19.75
CA PRO A 582 -1.82 -12.63 -20.47
C PRO A 582 -3.03 -12.79 -21.39
N THR A 583 -3.54 -14.02 -21.55
CA THR A 583 -4.56 -14.32 -22.55
C THR A 583 -5.95 -14.67 -21.95
N SER A 584 -5.97 -15.61 -21.02
CA SER A 584 -7.19 -16.04 -20.34
C SER A 584 -6.91 -16.54 -18.90
N ILE A 585 -7.99 -16.76 -18.14
CA ILE A 585 -7.94 -17.23 -16.75
C ILE A 585 -8.32 -18.71 -16.69
N ARG A 586 -7.52 -19.50 -15.97
CA ARG A 586 -7.84 -20.91 -15.73
C ARG A 586 -7.55 -21.22 -14.28
N ILE A 587 -8.31 -22.15 -13.72
CA ILE A 587 -8.22 -22.45 -12.31
C ILE A 587 -7.83 -23.91 -12.16
N ARG A 588 -6.99 -24.19 -11.17
CA ARG A 588 -6.45 -25.53 -10.92
C ARG A 588 -6.41 -25.88 -9.44
N LYS A 589 -6.42 -27.17 -9.15
CA LYS A 589 -6.07 -27.69 -7.83
C LYS A 589 -4.56 -27.57 -7.64
N ARG A 590 -4.12 -27.48 -6.39
CA ARG A 590 -2.68 -27.44 -6.07
C ARG A 590 -1.95 -28.73 -6.42
N HIS A 591 -2.69 -29.86 -6.43
CA HIS A 591 -2.17 -31.19 -6.84
C HIS A 591 -2.89 -31.71 -8.10
N LEU A 592 -2.12 -32.20 -9.07
CA LEU A 592 -2.64 -32.44 -10.42
C LEU A 592 -3.44 -33.74 -10.59
N THR A 593 -2.80 -34.89 -10.39
CA THR A 593 -3.49 -36.18 -10.57
C THR A 593 -4.41 -36.48 -9.38
N GLU A 594 -5.43 -37.32 -9.61
CA GLU A 594 -6.39 -37.75 -8.57
C GLU A 594 -5.65 -38.36 -7.38
N ASN A 595 -4.59 -39.11 -7.66
CA ASN A 595 -3.78 -39.74 -6.62
C ASN A 595 -2.88 -38.72 -5.89
N ASP A 596 -2.40 -37.72 -6.62
CA ASP A 596 -1.68 -36.60 -6.00
C ASP A 596 -2.59 -35.78 -5.10
N ARG A 597 -3.89 -35.73 -5.41
CA ARG A 597 -4.87 -35.14 -4.49
C ARG A 597 -5.06 -35.97 -3.22
N ARG A 598 -5.10 -37.29 -3.38
CA ARG A 598 -5.20 -38.24 -2.25
C ARG A 598 -3.95 -38.23 -1.35
N ARG A 599 -2.83 -37.76 -1.89
CA ARG A 599 -1.56 -37.59 -1.17
C ARG A 599 -1.64 -36.64 0.03
N ALA A 600 -2.43 -35.57 -0.11
CA ALA A 600 -2.53 -34.55 0.93
C ALA A 600 -3.34 -35.08 2.13
N ASN A 601 -2.64 -35.65 3.11
CA ASN A 601 -3.26 -36.20 4.33
C ASN A 601 -2.28 -36.19 5.53
N ARG A 602 -2.58 -35.38 6.56
CA ARG A 602 -1.80 -35.34 7.81
C ARG A 602 -2.69 -35.05 9.01
PB G4P B . 12.02 23.91 -8.34
O1B G4P B . 10.97 22.89 -7.94
O2B G4P B . 13.28 23.32 -8.93
O3B G4P B . 12.24 24.93 -7.27
O3A G4P B . 11.39 24.75 -9.55
PA G4P B . 10.44 26.00 -9.20
O1A G4P B . 9.54 25.45 -8.12
O2A G4P B . 11.30 27.20 -8.93
O5' G4P B . 9.63 26.27 -10.57
C5' G4P B . 10.24 26.88 -11.71
C4' G4P B . 9.54 28.19 -12.07
O4' G4P B . 9.21 28.95 -10.90
C3' G4P B . 10.40 29.11 -12.95
O3' G4P B . 9.75 29.28 -14.21
C2' G4P B . 10.53 30.42 -12.17
O2' G4P B . 10.35 31.55 -13.02
C1' G4P B . 9.47 30.34 -11.07
N9 G4P B . 9.89 30.99 -9.78
C8 G4P B . 10.24 30.34 -8.66
N7 G4P B . 10.54 31.21 -7.65
C5 G4P B . 10.39 32.45 -8.12
C6 G4P B . 10.55 33.83 -7.58
O6 G4P B . 10.91 34.05 -6.40
N1 G4P B . 10.28 34.86 -8.39
C2 G4P B . 9.88 34.68 -9.68
N2 G4P B . 9.63 35.78 -10.44
N3 G4P B . 9.71 33.44 -10.23
C4 G4P B . 9.95 32.31 -9.52
PC G4P B . 10.57 29.21 -15.58
O1C G4P B . 11.63 30.29 -15.51
O2C G4P B . 9.56 29.19 -16.70
O3C G4P B . 11.29 27.75 -15.53
PD G4P B . 12.87 27.52 -15.81
O1D G4P B . 13.13 28.19 -17.14
O2D G4P B . 13.01 26.01 -15.84
O3D G4P B . 13.59 28.16 -14.64
#